data_7THN
#
_entry.id   7THN
#
_cell.length_a   50.670
_cell.length_b   92.660
_cell.length_c   66.770
_cell.angle_alpha   90.000
_cell.angle_beta   110.470
_cell.angle_gamma   90.000
#
_symmetry.space_group_name_H-M   'P 1 21 1'
#
loop_
_entity.id
_entity.type
_entity.pdbx_description
1 polymer 'L-proline--[L-prolyl-carrier protein] ligase'
2 polymer 'Probable acyl carrier protein PigG'
3 non-polymer GLYCEROL
4 non-polymer 'AZIDE ION'
5 non-polymer 'MAGNESIUM ION'
6 non-polymer "5'-deoxy-5'-({(2S)-2-({2-[(N-{(2R)-4-[(dioxo-lambda~5~-phosphanyl)oxy]-2-hydroxy-3,3-dimethylbutanoyl}-beta-alanyl)amino]ethyl}sulfanyl)-2-[(2S)-pyrrolidin-2-yl]ethanesulfonyl}amino)adenosine"
7 water water
#
loop_
_entity_poly.entity_id
_entity_poly.type
_entity_poly.pdbx_seq_one_letter_code
_entity_poly.pdbx_strand_id
1 'polypeptide(L)'
;MTISTPVIIDSLIRHAQRTPEQTALLCGDQHWNYRQLVTRAHVMASALRQAGLSGQAILLNLPKSLDAVAAIYATWLSGN
HYIPIDYSQPSSRIERIIAAAAPALIIDTAWLATLDSQPSFDAEQPVGRMVYHNPIAAILYTSGSTGTPKGVQISHEMLG
FFIQWAVRDTQLTARDVLSNHASFAFDLSTFDLFASAYVGAATWIIRESEQKDCAALAQGLQRHAVSVWYSVPSILAMLE
KSTLLNPTLGQSLRQVIFAGEPYPVTALKRLLPCLPQPCRVSNWYGPTETNVCVAYAIDRARLAMLKQVPIGLPLEGLTA
QLEDENGDRHPLTAQLRLSGELLISGPCVTPGYSNVVVPRQAALHPHQCHATGDWVEMTPEGLVFRGRIDDMVKINGYRV
ELGEIESVLHQHPAIDRAALCVELGDLRQTLIMVISLQTGAVPPGLLELKQFLQQKLPSYMIPNKLVITESLPVNANGKV
DRKQLAGVVAVLEHHHHHH
;
B
2 'polypeptide(L)'
;MLESKLINHIATQFLDGEKDGLDSQTPLFELNIVDSAAIFDLVDFLRQESKVSIGMQEIHPANFATVQSMVALVQRLKAH
PEQGGAAWEHHHHHH
;
E
#
# COMPACT_ATOMS: atom_id res chain seq x y z
N THR A 2 31.00 -12.89 0.47
CA THR A 2 30.20 -13.34 1.65
C THR A 2 28.79 -13.72 1.19
N ILE A 3 28.25 -13.03 0.17
CA ILE A 3 27.02 -13.47 -0.58
C ILE A 3 27.33 -13.58 -2.07
N SER A 4 26.54 -14.38 -2.80
CA SER A 4 26.49 -14.37 -4.29
C SER A 4 26.13 -12.95 -4.75
N THR A 5 26.63 -12.51 -5.91
CA THR A 5 26.14 -11.27 -6.57
C THR A 5 24.62 -11.36 -6.64
N PRO A 6 23.87 -10.32 -6.20
CA PRO A 6 22.40 -10.37 -6.30
C PRO A 6 21.97 -10.67 -7.74
N VAL A 7 21.07 -11.64 -7.91
CA VAL A 7 20.61 -12.13 -9.25
C VAL A 7 19.95 -10.96 -9.99
N ILE A 8 19.29 -10.04 -9.27
CA ILE A 8 18.64 -8.88 -9.93
C ILE A 8 19.68 -7.95 -10.53
N ILE A 9 20.80 -7.67 -9.84
CA ILE A 9 21.89 -6.80 -10.38
C ILE A 9 22.57 -7.46 -11.59
N ASP A 10 22.87 -8.75 -11.49
CA ASP A 10 23.50 -9.48 -12.61
C ASP A 10 22.60 -9.40 -13.83
N SER A 11 21.28 -9.60 -13.66
CA SER A 11 20.32 -9.56 -14.77
C SER A 11 20.29 -8.17 -15.39
N LEU A 12 20.20 -7.14 -14.54
CA LEU A 12 20.15 -5.75 -15.01
C LEU A 12 21.40 -5.41 -15.84
N ILE A 13 22.59 -5.77 -15.36
CA ILE A 13 23.84 -5.52 -16.12
C ILE A 13 23.80 -6.26 -17.46
N ARG A 14 23.38 -7.52 -17.49
CA ARG A 14 23.31 -8.30 -18.77
C ARG A 14 22.36 -7.61 -19.75
N HIS A 15 21.22 -7.07 -19.31
CA HIS A 15 20.26 -6.46 -20.26
C HIS A 15 20.86 -5.17 -20.82
N ALA A 16 21.58 -4.39 -20.03
CA ALA A 16 22.24 -3.16 -20.54
C ALA A 16 23.29 -3.56 -21.58
N GLN A 17 23.95 -4.70 -21.37
CA GLN A 17 24.98 -5.21 -22.33
C GLN A 17 24.30 -5.77 -23.59
N ARG A 18 23.34 -6.67 -23.46
CA ARG A 18 22.74 -7.43 -24.61
C ARG A 18 21.67 -6.58 -25.32
N THR A 19 20.84 -5.83 -24.61
CA THR A 19 19.75 -5.04 -25.25
C THR A 19 19.75 -3.61 -24.73
N PRO A 20 20.80 -2.84 -25.00
CA PRO A 20 20.97 -1.51 -24.42
C PRO A 20 19.82 -0.56 -24.74
N GLU A 21 19.18 -0.73 -25.88
CA GLU A 21 18.18 0.22 -26.40
C GLU A 21 16.76 -0.20 -26.02
N GLN A 22 16.56 -1.37 -25.39
CA GLN A 22 15.23 -1.82 -24.91
C GLN A 22 14.78 -0.90 -23.77
N THR A 23 13.53 -0.49 -23.80
CA THR A 23 12.96 0.36 -22.75
C THR A 23 12.98 -0.39 -21.41
N ALA A 24 13.47 0.27 -20.37
CA ALA A 24 13.50 -0.24 -18.98
C ALA A 24 12.39 0.42 -18.16
N LEU A 25 12.20 1.73 -18.32
CA LEU A 25 11.33 2.52 -17.42
C LEU A 25 10.64 3.63 -18.22
N LEU A 26 9.38 3.85 -17.90
CA LEU A 26 8.55 4.95 -18.42
C LEU A 26 8.03 5.76 -17.22
N CYS A 27 8.09 7.07 -17.29
CA CYS A 27 7.52 7.93 -16.21
C CYS A 27 7.11 9.26 -16.80
N GLY A 28 5.85 9.60 -16.70
CA GLY A 28 5.29 10.77 -17.40
C GLY A 28 5.63 10.68 -18.88
N ASP A 29 6.25 11.71 -19.43
CA ASP A 29 6.56 11.76 -20.88
C ASP A 29 7.96 11.23 -21.15
N GLN A 30 8.68 10.74 -20.15
CA GLN A 30 10.11 10.37 -20.21
C GLN A 30 10.22 8.83 -20.27
N HIS A 31 11.29 8.32 -20.87
CA HIS A 31 11.63 6.89 -20.76
C HIS A 31 13.13 6.72 -20.79
N TRP A 32 13.59 5.68 -20.14
CA TRP A 32 15.00 5.25 -20.16
C TRP A 32 15.07 3.87 -20.76
N ASN A 33 16.09 3.66 -21.59
CA ASN A 33 16.48 2.28 -21.97
C ASN A 33 17.39 1.68 -20.90
N TYR A 34 17.78 0.41 -21.06
CA TYR A 34 18.61 -0.32 -20.06
C TYR A 34 19.99 0.33 -19.95
N ARG A 35 20.59 0.78 -21.06
CA ARG A 35 21.90 1.49 -21.01
C ARG A 35 21.79 2.74 -20.12
N GLN A 36 20.77 3.57 -20.33
CA GLN A 36 20.60 4.83 -19.57
C GLN A 36 20.38 4.54 -18.10
N LEU A 37 19.54 3.54 -17.76
CA LEU A 37 19.28 3.20 -16.34
C LEU A 37 20.56 2.73 -15.68
N VAL A 38 21.29 1.82 -16.31
CA VAL A 38 22.46 1.19 -15.66
C VAL A 38 23.58 2.22 -15.53
N THR A 39 23.76 3.01 -16.55
CA THR A 39 24.78 4.11 -16.56
C THR A 39 24.49 5.10 -15.43
N ARG A 40 23.23 5.53 -15.30
CA ARG A 40 22.81 6.44 -14.20
C ARG A 40 23.07 5.80 -12.85
N ALA A 41 22.70 4.53 -12.64
CA ALA A 41 22.93 3.79 -11.39
C ALA A 41 24.44 3.74 -11.08
N HIS A 42 25.29 3.56 -12.10
CA HIS A 42 26.76 3.52 -11.93
C HIS A 42 27.30 4.88 -11.48
N VAL A 43 26.79 5.97 -12.05
CA VAL A 43 27.17 7.38 -11.70
C VAL A 43 26.84 7.60 -10.24
N MET A 44 25.62 7.25 -9.81
CA MET A 44 25.22 7.41 -8.40
C MET A 44 26.02 6.48 -7.49
N ALA A 45 26.30 5.24 -7.92
CA ALA A 45 27.06 4.27 -7.09
C ALA A 45 28.49 4.84 -6.87
N SER A 46 29.05 5.44 -7.90
CA SER A 46 30.40 6.06 -7.83
C SER A 46 30.42 7.13 -6.73
N ALA A 47 29.38 7.98 -6.69
CA ALA A 47 29.27 9.03 -5.66
C ALA A 47 29.17 8.41 -4.26
N LEU A 48 28.39 7.33 -4.07
CA LEU A 48 28.29 6.71 -2.74
C LEU A 48 29.64 6.09 -2.35
N ARG A 49 30.34 5.47 -3.30
CA ARG A 49 31.68 4.86 -3.08
C ARG A 49 32.64 5.99 -2.65
N GLN A 50 32.61 7.14 -3.34
CA GLN A 50 33.52 8.29 -3.10
C GLN A 50 33.23 8.91 -1.72
N ALA A 51 31.99 8.81 -1.23
CA ALA A 51 31.57 9.26 0.11
C ALA A 51 31.93 8.23 1.18
N GLY A 52 32.53 7.08 0.80
CA GLY A 52 33.00 6.05 1.73
C GLY A 52 31.86 5.33 2.42
N LEU A 53 30.75 5.21 1.71
CA LEU A 53 29.55 4.48 2.20
C LEU A 53 29.58 3.04 1.69
N SER A 54 29.59 2.13 2.65
CA SER A 54 29.61 0.68 2.46
C SER A 54 28.85 0.00 3.61
N GLY A 55 27.94 -0.91 3.27
CA GLY A 55 27.17 -1.63 4.29
C GLY A 55 26.23 -0.72 5.07
N GLN A 56 25.81 0.40 4.48
CA GLN A 56 25.03 1.47 5.17
C GLN A 56 23.62 1.60 4.58
N ALA A 57 22.73 2.17 5.38
CA ALA A 57 21.36 2.55 4.97
C ALA A 57 21.41 3.90 4.26
N ILE A 58 20.84 3.94 3.05
CA ILE A 58 20.72 5.17 2.22
C ILE A 58 19.22 5.39 2.08
N LEU A 59 18.72 6.50 2.64
CA LEU A 59 17.26 6.77 2.63
C LEU A 59 16.92 7.58 1.38
N LEU A 60 15.91 7.10 0.64
CA LEU A 60 15.54 7.74 -0.65
C LEU A 60 14.36 8.68 -0.45
N ASN A 61 14.66 9.91 -0.05
CA ASN A 61 13.59 10.93 0.18
C ASN A 61 13.29 11.60 -1.15
N LEU A 62 12.67 10.86 -2.06
CA LEU A 62 12.43 11.22 -3.47
C LEU A 62 11.02 10.88 -3.89
N PRO A 63 10.47 11.66 -4.85
CA PRO A 63 9.23 11.29 -5.51
C PRO A 63 9.48 10.09 -6.42
N LYS A 64 8.41 9.36 -6.74
CA LYS A 64 8.48 8.28 -7.74
C LYS A 64 9.01 8.88 -9.05
N SER A 65 10.11 8.34 -9.56
CA SER A 65 10.86 8.95 -10.67
C SER A 65 11.89 7.96 -11.19
N LEU A 66 12.35 8.21 -12.41
CA LEU A 66 13.47 7.41 -13.01
C LEU A 66 14.68 7.48 -12.07
N ASP A 67 15.03 8.67 -11.58
CA ASP A 67 16.20 8.83 -10.68
C ASP A 67 16.07 8.01 -9.41
N ALA A 68 14.86 7.85 -8.86
CA ALA A 68 14.70 7.07 -7.63
C ALA A 68 14.99 5.59 -7.90
N VAL A 69 14.61 5.10 -9.09
CA VAL A 69 14.89 3.68 -9.45
C VAL A 69 16.40 3.51 -9.61
N ALA A 70 17.07 4.43 -10.31
CA ALA A 70 18.54 4.42 -10.45
C ALA A 70 19.16 4.41 -9.06
N ALA A 71 18.66 5.18 -8.10
CA ALA A 71 19.23 5.21 -6.74
C ALA A 71 19.10 3.86 -6.03
N ILE A 72 17.97 3.17 -6.19
CA ILE A 72 17.82 1.81 -5.64
C ILE A 72 19.01 0.96 -6.10
N TYR A 73 19.24 0.90 -7.39
CA TYR A 73 20.31 0.02 -7.94
C TYR A 73 21.68 0.51 -7.47
N ALA A 74 21.85 1.83 -7.41
CA ALA A 74 23.11 2.49 -6.99
C ALA A 74 23.45 2.06 -5.56
N THR A 75 22.46 1.93 -4.66
CA THR A 75 22.75 1.47 -3.28
C THR A 75 23.36 0.05 -3.40
N TRP A 76 22.74 -0.87 -4.13
CA TRP A 76 23.22 -2.26 -4.22
C TRP A 76 24.62 -2.30 -4.85
N LEU A 77 24.86 -1.51 -5.87
CA LEU A 77 26.13 -1.49 -6.64
C LEU A 77 27.26 -0.98 -5.73
N SER A 78 26.96 -0.25 -4.66
CA SER A 78 27.97 0.33 -3.73
C SER A 78 27.97 -0.43 -2.39
N GLY A 79 27.28 -1.58 -2.29
CA GLY A 79 27.31 -2.41 -1.07
C GLY A 79 26.42 -1.87 0.02
N ASN A 80 25.45 -1.02 -0.36
CA ASN A 80 24.52 -0.38 0.60
C ASN A 80 23.10 -0.93 0.43
N HIS A 81 22.22 -0.61 1.38
CA HIS A 81 20.79 -0.98 1.30
C HIS A 81 19.96 0.30 1.34
N TYR A 82 18.84 0.31 0.63
CA TYR A 82 18.01 1.55 0.50
C TYR A 82 16.87 1.49 1.51
N ILE A 83 16.47 2.67 1.94
CA ILE A 83 15.26 2.89 2.80
C ILE A 83 14.29 3.71 1.98
N PRO A 84 13.25 3.10 1.41
CA PRO A 84 12.28 3.85 0.64
C PRO A 84 11.25 4.51 1.55
N ILE A 85 10.66 5.58 1.10
CA ILE A 85 9.53 6.19 1.85
C ILE A 85 8.41 6.57 0.87
N ASP A 86 7.21 6.62 1.40
CA ASP A 86 6.02 7.12 0.70
C ASP A 86 6.08 8.65 0.69
N TYR A 87 6.38 9.20 -0.48
CA TYR A 87 6.67 10.64 -0.60
C TYR A 87 5.38 11.44 -0.42
N SER A 88 4.24 10.78 -0.46
CA SER A 88 2.92 11.47 -0.36
C SER A 88 2.55 11.77 1.10
N GLN A 89 3.20 11.16 2.08
CA GLN A 89 2.77 11.30 3.50
C GLN A 89 3.29 12.62 4.06
N PRO A 90 2.81 13.02 5.26
CA PRO A 90 3.25 14.28 5.86
C PRO A 90 4.76 14.28 6.17
N SER A 91 5.40 15.45 6.02
CA SER A 91 6.83 15.61 6.32
C SER A 91 7.16 15.18 7.75
N SER A 92 6.29 15.41 8.73
N SER A 92 6.26 15.48 8.69
CA SER A 92 6.58 15.05 10.13
CA SER A 92 6.34 15.06 10.11
C SER A 92 6.70 13.53 10.29
C SER A 92 6.75 13.59 10.17
N ARG A 93 5.97 12.75 9.49
CA ARG A 93 6.11 11.28 9.58
C ARG A 93 7.39 10.85 8.85
N ILE A 94 7.74 11.46 7.72
CA ILE A 94 9.01 11.13 7.03
C ILE A 94 10.16 11.44 8.02
N GLU A 95 10.07 12.55 8.77
CA GLU A 95 11.08 12.89 9.83
C GLU A 95 11.17 11.76 10.88
N ARG A 96 10.05 11.20 11.31
CA ARG A 96 10.02 10.10 12.30
C ARG A 96 10.66 8.84 11.70
N ILE A 97 10.43 8.57 10.40
CA ILE A 97 11.11 7.42 9.72
C ILE A 97 12.60 7.70 9.65
N ILE A 98 13.02 8.88 9.24
CA ILE A 98 14.47 9.19 9.16
C ILE A 98 15.09 8.98 10.55
N ALA A 99 14.47 9.45 11.62
CA ALA A 99 15.00 9.27 12.99
C ALA A 99 15.09 7.78 13.32
N ALA A 100 14.07 7.01 13.01
CA ALA A 100 14.07 5.56 13.30
C ALA A 100 15.14 4.82 12.48
N ALA A 101 15.35 5.19 11.23
CA ALA A 101 16.24 4.49 10.29
C ALA A 101 17.71 4.91 10.52
N ALA A 102 17.97 6.11 11.04
CA ALA A 102 19.36 6.58 11.26
C ALA A 102 20.20 6.31 10.01
N PRO A 103 19.79 6.76 8.82
CA PRO A 103 20.53 6.48 7.61
C PRO A 103 21.89 7.21 7.64
N ALA A 104 22.88 6.62 6.99
CA ALA A 104 24.22 7.23 6.80
C ALA A 104 24.09 8.43 5.86
N LEU A 105 23.12 8.41 4.96
CA LEU A 105 22.94 9.44 3.91
C LEU A 105 21.47 9.46 3.50
N ILE A 106 20.94 10.66 3.34
CA ILE A 106 19.63 10.89 2.68
C ILE A 106 19.87 11.38 1.27
N ILE A 107 19.42 10.61 0.30
CA ILE A 107 19.36 11.07 -1.10
C ILE A 107 18.03 11.81 -1.28
N ASP A 108 18.10 13.09 -1.56
CA ASP A 108 16.92 13.92 -1.87
C ASP A 108 17.18 14.68 -3.17
N THR A 109 16.22 15.51 -3.56
CA THR A 109 16.30 16.26 -4.85
C THR A 109 17.59 17.08 -4.86
N ALA A 110 17.92 17.70 -3.73
CA ALA A 110 19.12 18.56 -3.60
C ALA A 110 20.39 17.71 -3.85
N TRP A 111 20.43 16.48 -3.35
CA TRP A 111 21.62 15.62 -3.47
C TRP A 111 21.84 15.29 -4.94
N LEU A 112 20.77 15.01 -5.67
CA LEU A 112 20.79 14.69 -7.12
C LEU A 112 21.30 15.95 -7.86
N ALA A 113 20.84 17.12 -7.45
CA ALA A 113 21.22 18.39 -8.11
C ALA A 113 22.72 18.62 -7.87
N THR A 114 23.18 18.41 -6.63
CA THR A 114 24.60 18.59 -6.25
C THR A 114 25.43 17.62 -7.09
N LEU A 115 24.98 16.39 -7.23
CA LEU A 115 25.67 15.33 -8.04
C LEU A 115 25.83 15.78 -9.48
N ASP A 116 24.78 16.33 -10.05
CA ASP A 116 24.72 16.63 -11.50
C ASP A 116 25.49 17.93 -11.80
N SER A 117 25.93 18.66 -10.79
CA SER A 117 26.70 19.92 -10.96
C SER A 117 28.20 19.72 -10.63
N GLN A 118 28.70 18.48 -10.53
CA GLN A 118 30.12 18.17 -10.17
C GLN A 118 30.93 18.02 -11.46
N VAL A 131 32.73 -7.51 -5.22
CA VAL A 131 32.75 -8.18 -3.87
C VAL A 131 31.53 -7.71 -3.08
N TYR A 132 30.44 -8.50 -3.08
CA TYR A 132 29.19 -8.20 -2.33
C TYR A 132 29.24 -8.84 -0.95
N HIS A 133 29.35 -8.01 0.08
CA HIS A 133 29.45 -8.43 1.50
C HIS A 133 28.09 -8.23 2.18
N ASN A 134 27.25 -7.29 1.72
CA ASN A 134 26.05 -6.85 2.48
C ASN A 134 24.87 -7.73 2.11
N PRO A 135 24.32 -8.55 3.01
CA PRO A 135 23.22 -9.44 2.63
C PRO A 135 21.89 -8.70 2.51
N ILE A 136 21.82 -7.49 3.07
CA ILE A 136 20.55 -6.70 3.10
C ILE A 136 20.45 -5.83 1.84
N ALA A 137 19.27 -5.83 1.22
CA ALA A 137 18.95 -5.06 -0.01
C ALA A 137 18.19 -3.78 0.36
N ALA A 138 17.34 -3.86 1.35
CA ALA A 138 16.46 -2.72 1.73
C ALA A 138 15.97 -2.90 3.17
N ILE A 139 15.48 -1.81 3.76
CA ILE A 139 14.72 -1.85 5.01
C ILE A 139 13.45 -1.03 4.80
N LEU A 140 12.31 -1.71 4.87
CA LEU A 140 11.00 -1.08 4.69
C LEU A 140 10.42 -0.73 6.05
N TYR A 141 10.26 0.57 6.34
CA TYR A 141 9.77 1.02 7.67
C TYR A 141 8.26 1.08 7.62
N THR A 142 7.58 0.28 8.45
CA THR A 142 6.11 0.19 8.49
C THR A 142 5.56 0.83 9.76
N SER A 143 4.23 0.93 9.86
CA SER A 143 3.56 1.43 11.08
C SER A 143 3.94 0.59 12.29
N GLY A 144 4.31 1.26 13.40
CA GLY A 144 4.68 0.57 14.65
C GLY A 144 3.67 0.80 15.76
N SER A 145 3.37 -0.27 16.52
CA SER A 145 2.34 -0.27 17.59
C SER A 145 2.70 0.78 18.66
N THR A 146 3.97 1.14 18.85
CA THR A 146 4.35 2.19 19.87
C THR A 146 4.35 3.61 19.28
N GLY A 147 4.06 3.73 17.98
CA GLY A 147 4.31 4.96 17.24
C GLY A 147 5.65 4.93 16.52
N THR A 148 6.67 4.29 17.07
CA THR A 148 7.99 4.25 16.41
C THR A 148 7.87 3.44 15.12
N PRO A 149 8.24 3.99 13.95
CA PRO A 149 8.25 3.18 12.73
C PRO A 149 9.13 1.94 12.93
N LYS A 150 8.70 0.85 12.31
CA LYS A 150 9.28 -0.51 12.47
C LYS A 150 9.93 -0.94 11.17
N GLY A 151 11.27 -1.13 11.17
CA GLY A 151 12.04 -1.47 9.97
C GLY A 151 12.08 -2.97 9.72
N VAL A 152 11.57 -3.37 8.57
CA VAL A 152 11.59 -4.78 8.12
C VAL A 152 12.78 -4.96 7.20
N GLN A 153 13.79 -5.70 7.63
CA GLN A 153 14.96 -5.98 6.76
C GLN A 153 14.55 -6.90 5.59
N ILE A 154 14.92 -6.47 4.39
CA ILE A 154 14.72 -7.25 3.14
C ILE A 154 16.08 -7.65 2.62
N SER A 155 16.34 -8.93 2.60
CA SER A 155 17.63 -9.48 2.11
C SER A 155 17.61 -9.64 0.58
N HIS A 156 18.78 -9.60 -0.03
CA HIS A 156 18.93 -10.03 -1.45
C HIS A 156 18.38 -11.45 -1.64
N GLU A 157 18.62 -12.38 -0.70
CA GLU A 157 18.11 -13.77 -0.79
C GLU A 157 16.58 -13.72 -0.90
N MET A 158 15.94 -12.92 -0.05
CA MET A 158 14.45 -12.79 -0.07
C MET A 158 14.01 -12.32 -1.45
N LEU A 159 14.62 -11.27 -1.97
CA LEU A 159 14.12 -10.70 -3.25
C LEU A 159 14.35 -11.70 -4.38
N GLY A 160 15.49 -12.38 -4.34
CA GLY A 160 15.74 -13.37 -5.38
C GLY A 160 14.73 -14.48 -5.38
N PHE A 161 14.39 -14.97 -4.23
CA PHE A 161 13.43 -16.07 -4.03
C PHE A 161 12.09 -15.62 -4.64
N PHE A 162 11.63 -14.44 -4.23
CA PHE A 162 10.30 -13.93 -4.68
C PHE A 162 10.29 -13.73 -6.18
N ILE A 163 11.28 -12.98 -6.69
CA ILE A 163 11.32 -12.62 -8.12
C ILE A 163 11.40 -13.89 -9.00
N GLN A 164 12.23 -14.89 -8.65
CA GLN A 164 12.34 -16.10 -9.51
C GLN A 164 10.99 -16.83 -9.47
N TRP A 165 10.29 -16.86 -8.33
CA TRP A 165 8.97 -17.52 -8.23
C TRP A 165 7.97 -16.74 -9.10
N ALA A 166 7.97 -15.41 -8.99
CA ALA A 166 6.94 -14.56 -9.62
C ALA A 166 7.10 -14.54 -11.14
N VAL A 167 8.34 -14.53 -11.62
CA VAL A 167 8.63 -14.58 -13.08
C VAL A 167 8.07 -15.89 -13.66
N ARG A 168 8.35 -17.01 -12.97
CA ARG A 168 7.85 -18.34 -13.39
C ARG A 168 6.32 -18.33 -13.33
N ASP A 169 5.73 -17.81 -12.28
CA ASP A 169 4.27 -17.92 -12.11
C ASP A 169 3.54 -17.16 -13.20
N THR A 170 4.06 -16.00 -13.55
CA THR A 170 3.39 -15.06 -14.48
C THR A 170 3.95 -15.21 -15.89
N GLN A 171 4.93 -16.09 -16.07
N GLN A 171 4.93 -16.10 -16.09
CA GLN A 171 5.65 -16.27 -17.36
CA GLN A 171 5.64 -16.27 -17.38
C GLN A 171 6.07 -14.89 -17.89
C GLN A 171 6.07 -14.89 -17.89
N LEU A 172 6.70 -14.11 -17.04
CA LEU A 172 7.12 -12.74 -17.42
C LEU A 172 8.25 -12.84 -18.42
N THR A 173 8.27 -11.94 -19.43
CA THR A 173 9.38 -11.88 -20.40
C THR A 173 9.69 -10.44 -20.71
N ALA A 174 10.75 -10.22 -21.46
CA ALA A 174 11.17 -8.90 -21.97
C ALA A 174 10.06 -8.19 -22.75
N ARG A 175 9.09 -8.87 -23.31
CA ARG A 175 8.04 -8.23 -24.14
C ARG A 175 6.97 -7.60 -23.24
N ASP A 176 6.98 -7.91 -21.96
CA ASP A 176 5.96 -7.37 -21.04
C ASP A 176 6.21 -5.90 -20.74
N VAL A 177 5.12 -5.22 -20.39
CA VAL A 177 5.12 -3.84 -19.86
C VAL A 177 4.35 -3.89 -18.53
N LEU A 178 5.07 -3.68 -17.43
CA LEU A 178 4.48 -3.83 -16.07
C LEU A 178 4.06 -2.45 -15.59
N SER A 179 2.92 -2.35 -14.94
CA SER A 179 2.62 -1.14 -14.17
C SER A 179 3.48 -1.12 -12.91
N ASN A 180 3.73 0.06 -12.35
CA ASN A 180 4.20 0.21 -10.97
C ASN A 180 3.25 1.16 -10.24
N HIS A 181 2.20 0.63 -9.62
CA HIS A 181 1.20 1.46 -8.90
C HIS A 181 1.77 1.91 -7.56
N ALA A 182 2.21 0.98 -6.70
CA ALA A 182 2.56 1.30 -5.31
C ALA A 182 3.80 2.18 -5.21
N SER A 183 3.85 2.95 -4.13
CA SER A 183 5.08 3.63 -3.65
C SER A 183 6.20 2.61 -3.52
N PHE A 184 7.45 3.05 -3.70
CA PHE A 184 8.64 2.18 -3.45
C PHE A 184 8.73 1.76 -1.99
N ALA A 185 7.99 2.42 -1.11
CA ALA A 185 7.97 2.10 0.32
C ALA A 185 7.32 0.74 0.54
N PHE A 186 6.50 0.29 -0.41
CA PHE A 186 5.72 -0.97 -0.20
C PHE A 186 6.26 -2.07 -1.08
N ASP A 187 6.08 -3.32 -0.63
CA ASP A 187 6.79 -4.43 -1.32
C ASP A 187 6.14 -4.78 -2.68
N LEU A 188 4.96 -4.28 -3.03
CA LEU A 188 4.45 -4.55 -4.40
C LEU A 188 5.46 -4.03 -5.41
N SER A 189 6.09 -2.90 -5.11
CA SER A 189 7.08 -2.30 -6.03
C SER A 189 8.25 -3.26 -6.32
N THR A 190 8.52 -4.25 -5.44
CA THR A 190 9.64 -5.20 -5.68
C THR A 190 9.33 -6.05 -6.93
N PHE A 191 8.08 -6.46 -7.14
CA PHE A 191 7.70 -7.20 -8.36
C PHE A 191 7.82 -6.23 -9.55
N ASP A 192 7.14 -5.08 -9.45
CA ASP A 192 6.98 -4.15 -10.57
C ASP A 192 8.35 -3.72 -11.09
N LEU A 193 9.29 -3.42 -10.21
CA LEU A 193 10.65 -2.98 -10.63
C LEU A 193 11.57 -4.17 -10.88
N PHE A 194 11.65 -5.13 -9.96
CA PHE A 194 12.75 -6.13 -9.96
C PHE A 194 12.42 -7.32 -10.84
N ALA A 195 11.15 -7.69 -10.94
CA ALA A 195 10.81 -8.80 -11.87
C ALA A 195 10.99 -8.31 -13.29
N SER A 196 10.63 -7.04 -13.55
CA SER A 196 10.86 -6.36 -14.84
C SER A 196 12.35 -6.35 -15.18
N ALA A 197 13.20 -5.90 -14.26
CA ALA A 197 14.66 -5.85 -14.51
C ALA A 197 15.18 -7.28 -14.73
N TYR A 198 14.66 -8.26 -14.01
CA TYR A 198 15.19 -9.63 -14.14
C TYR A 198 15.01 -10.11 -15.59
N VAL A 199 13.88 -9.81 -16.23
CA VAL A 199 13.56 -10.41 -17.55
C VAL A 199 13.92 -9.42 -18.64
N GLY A 200 14.28 -8.12 -18.33
CA GLY A 200 14.62 -7.15 -19.38
C GLY A 200 13.41 -6.47 -19.95
N ALA A 201 12.14 -6.37 -19.15
CA ALA A 201 10.84 -5.77 -19.50
C ALA A 201 10.90 -4.27 -19.23
N ALA A 202 9.81 -3.60 -19.52
CA ALA A 202 9.64 -2.17 -19.21
C ALA A 202 8.65 -2.01 -18.06
N THR A 203 8.90 -1.07 -17.17
CA THR A 203 7.96 -0.73 -16.09
C THR A 203 7.53 0.73 -16.18
N TRP A 204 6.23 0.95 -16.13
CA TRP A 204 5.58 2.28 -16.05
C TRP A 204 5.49 2.74 -14.59
N ILE A 205 6.33 3.69 -14.25
CA ILE A 205 6.35 4.27 -12.88
C ILE A 205 5.16 5.24 -12.82
N ILE A 206 4.15 4.89 -12.07
CA ILE A 206 2.94 5.72 -11.88
C ILE A 206 3.27 6.76 -10.81
N ARG A 207 3.08 8.05 -11.13
CA ARG A 207 3.50 9.12 -10.21
C ARG A 207 2.46 9.32 -9.10
N GLU A 208 2.87 9.98 -8.02
CA GLU A 208 1.95 10.24 -6.89
C GLU A 208 0.63 10.86 -7.38
N SER A 209 0.70 11.85 -8.26
CA SER A 209 -0.48 12.55 -8.84
C SER A 209 -1.39 11.62 -9.65
N GLU A 210 -0.87 10.46 -10.08
CA GLU A 210 -1.60 9.50 -10.94
C GLU A 210 -2.18 8.33 -10.12
N GLN A 211 -1.71 8.07 -8.92
CA GLN A 211 -2.02 6.81 -8.18
C GLN A 211 -3.51 6.64 -7.90
N LYS A 212 -4.28 7.73 -7.75
CA LYS A 212 -5.72 7.64 -7.44
C LYS A 212 -6.54 8.07 -8.66
N ASP A 213 -5.88 8.51 -9.73
CA ASP A 213 -6.51 9.22 -10.87
C ASP A 213 -6.91 8.19 -11.92
N CYS A 214 -8.14 7.69 -11.85
CA CYS A 214 -8.65 6.61 -12.72
C CYS A 214 -8.55 6.96 -14.21
N ALA A 215 -8.80 8.21 -14.60
CA ALA A 215 -8.58 8.61 -16.01
C ALA A 215 -7.10 8.53 -16.40
N ALA A 216 -6.19 8.97 -15.55
CA ALA A 216 -4.73 8.95 -15.88
C ALA A 216 -4.28 7.49 -15.92
N LEU A 217 -4.81 6.66 -15.02
CA LEU A 217 -4.42 5.22 -15.03
C LEU A 217 -4.92 4.55 -16.31
N ALA A 218 -6.19 4.75 -16.66
CA ALA A 218 -6.77 4.13 -17.87
C ALA A 218 -6.03 4.61 -19.10
N GLN A 219 -5.77 5.90 -19.20
CA GLN A 219 -5.03 6.47 -20.36
C GLN A 219 -3.62 5.84 -20.45
N GLY A 220 -2.94 5.67 -19.34
CA GLY A 220 -1.59 5.10 -19.31
C GLY A 220 -1.59 3.63 -19.64
N LEU A 221 -2.58 2.88 -19.17
CA LEU A 221 -2.68 1.42 -19.47
C LEU A 221 -2.70 1.26 -20.99
N GLN A 222 -3.51 2.08 -21.65
CA GLN A 222 -3.64 2.06 -23.12
C GLN A 222 -2.38 2.59 -23.77
N ARG A 223 -1.89 3.76 -23.37
CA ARG A 223 -0.76 4.42 -24.04
C ARG A 223 0.44 3.48 -24.01
N HIS A 224 0.72 2.88 -22.86
CA HIS A 224 1.97 2.11 -22.66
C HIS A 224 1.76 0.62 -22.97
N ALA A 225 0.54 0.23 -23.33
CA ALA A 225 0.17 -1.16 -23.63
C ALA A 225 0.58 -2.05 -22.45
N VAL A 226 0.17 -1.63 -21.25
CA VAL A 226 0.49 -2.42 -20.04
C VAL A 226 -0.04 -3.85 -20.19
N SER A 227 0.84 -4.83 -19.96
CA SER A 227 0.45 -6.26 -20.03
C SER A 227 0.27 -6.88 -18.65
N VAL A 228 0.90 -6.36 -17.62
CA VAL A 228 0.88 -6.97 -16.28
C VAL A 228 0.60 -5.85 -15.27
N TRP A 229 -0.45 -6.02 -14.50
CA TRP A 229 -0.87 -5.02 -13.48
C TRP A 229 -0.87 -5.67 -12.10
N TYR A 230 -0.23 -5.02 -11.10
CA TYR A 230 -0.16 -5.50 -9.72
C TYR A 230 -0.55 -4.38 -8.77
N SER A 231 -1.61 -4.57 -8.03
CA SER A 231 -2.05 -3.54 -7.07
C SER A 231 -2.90 -4.12 -5.96
N VAL A 232 -3.34 -3.26 -5.05
CA VAL A 232 -4.40 -3.70 -4.10
C VAL A 232 -5.75 -3.70 -4.82
N PRO A 233 -6.70 -4.52 -4.33
CA PRO A 233 -8.06 -4.48 -4.84
C PRO A 233 -8.67 -3.09 -4.87
N SER A 234 -8.38 -2.23 -3.90
CA SER A 234 -9.10 -0.94 -3.78
C SER A 234 -8.95 -0.08 -5.05
N ILE A 235 -7.78 -0.05 -5.71
CA ILE A 235 -7.63 0.75 -6.96
C ILE A 235 -8.26 0.04 -8.15
N LEU A 236 -8.22 -1.31 -8.23
CA LEU A 236 -8.94 -2.05 -9.30
C LEU A 236 -10.44 -1.81 -9.18
N ALA A 237 -10.99 -1.76 -7.96
CA ALA A 237 -12.45 -1.58 -7.77
C ALA A 237 -12.80 -0.14 -8.14
N MET A 238 -11.89 0.82 -7.87
CA MET A 238 -12.07 2.22 -8.33
C MET A 238 -12.10 2.25 -9.87
N LEU A 239 -11.17 1.58 -10.52
CA LEU A 239 -11.10 1.59 -12.00
C LEU A 239 -12.40 0.98 -12.54
N GLU A 240 -12.89 -0.11 -11.97
CA GLU A 240 -14.20 -0.70 -12.38
C GLU A 240 -15.31 0.37 -12.24
N LYS A 241 -15.43 0.97 -11.06
CA LYS A 241 -16.54 1.93 -10.79
C LYS A 241 -16.40 3.16 -11.70
N SER A 242 -15.18 3.53 -12.13
CA SER A 242 -14.97 4.76 -12.93
C SER A 242 -15.75 4.68 -14.24
N THR A 243 -16.02 3.47 -14.74
CA THR A 243 -16.57 3.14 -16.10
C THR A 243 -15.48 3.30 -17.19
N LEU A 244 -14.23 3.60 -16.85
CA LEU A 244 -13.20 3.92 -17.84
C LEU A 244 -12.41 2.66 -18.23
N LEU A 245 -12.49 1.59 -17.47
CA LEU A 245 -11.71 0.38 -17.78
C LEU A 245 -12.60 -0.60 -18.55
N ASN A 246 -12.12 -1.02 -19.73
CA ASN A 246 -12.88 -1.99 -20.55
C ASN A 246 -11.85 -2.86 -21.27
N PRO A 247 -12.30 -4.00 -21.83
CA PRO A 247 -11.37 -4.93 -22.48
C PRO A 247 -10.68 -4.44 -23.74
N THR A 248 -11.20 -3.39 -24.38
CA THR A 248 -10.58 -2.80 -25.58
C THR A 248 -9.47 -1.84 -25.17
N LEU A 249 -9.77 -0.86 -24.31
CA LEU A 249 -8.73 0.02 -23.73
C LEU A 249 -7.64 -0.84 -23.06
N GLY A 250 -8.05 -1.91 -22.39
CA GLY A 250 -7.14 -2.78 -21.66
C GLY A 250 -6.71 -4.01 -22.43
N GLN A 251 -6.82 -4.03 -23.76
CA GLN A 251 -6.60 -5.25 -24.54
C GLN A 251 -5.21 -5.86 -24.33
N SER A 252 -4.20 -5.09 -23.95
CA SER A 252 -2.82 -5.60 -23.71
C SER A 252 -2.75 -6.41 -22.39
N LEU A 253 -3.71 -6.24 -21.48
CA LEU A 253 -3.62 -6.91 -20.15
C LEU A 253 -3.73 -8.43 -20.29
N ARG A 254 -2.68 -9.14 -19.87
CA ARG A 254 -2.71 -10.62 -19.83
C ARG A 254 -2.61 -11.15 -18.42
N GLN A 255 -2.20 -10.32 -17.46
CA GLN A 255 -2.12 -10.74 -16.06
C GLN A 255 -2.51 -9.55 -15.16
N VAL A 256 -3.47 -9.77 -14.31
CA VAL A 256 -3.85 -8.81 -13.24
C VAL A 256 -3.59 -9.53 -11.93
N ILE A 257 -2.92 -8.85 -11.00
CA ILE A 257 -2.59 -9.43 -9.67
C ILE A 257 -3.09 -8.46 -8.61
N PHE A 258 -3.88 -8.93 -7.67
CA PHE A 258 -4.30 -8.14 -6.50
C PHE A 258 -3.71 -8.73 -5.24
N ALA A 259 -3.44 -7.87 -4.26
CA ALA A 259 -2.81 -8.28 -3.00
C ALA A 259 -3.12 -7.24 -1.92
N GLY A 260 -2.84 -7.59 -0.66
CA GLY A 260 -2.87 -6.61 0.44
C GLY A 260 -4.15 -6.52 1.22
N GLU A 261 -5.24 -7.06 0.72
CA GLU A 261 -6.58 -7.05 1.38
C GLU A 261 -7.46 -7.95 0.54
N PRO A 262 -8.59 -8.47 1.07
CA PRO A 262 -9.45 -9.30 0.26
C PRO A 262 -10.13 -8.48 -0.83
N TYR A 263 -10.46 -9.14 -1.93
CA TYR A 263 -11.28 -8.59 -3.01
C TYR A 263 -12.64 -9.28 -2.87
N PRO A 264 -13.66 -8.61 -2.31
CA PRO A 264 -14.96 -9.28 -2.13
C PRO A 264 -15.49 -9.81 -3.48
N VAL A 265 -16.06 -11.01 -3.49
CA VAL A 265 -16.39 -11.72 -4.75
C VAL A 265 -17.42 -10.90 -5.51
N THR A 266 -18.38 -10.25 -4.83
CA THR A 266 -19.39 -9.37 -5.51
C THR A 266 -18.65 -8.31 -6.37
N ALA A 267 -17.67 -7.62 -5.79
CA ALA A 267 -16.88 -6.58 -6.49
C ALA A 267 -16.01 -7.19 -7.57
N LEU A 268 -15.34 -8.29 -7.26
CA LEU A 268 -14.47 -8.96 -8.24
C LEU A 268 -15.27 -9.40 -9.47
N LYS A 269 -16.49 -9.92 -9.31
CA LYS A 269 -17.35 -10.24 -10.48
C LYS A 269 -17.63 -8.99 -11.31
N ARG A 270 -17.69 -7.78 -10.75
CA ARG A 270 -17.83 -6.53 -11.60
C ARG A 270 -16.53 -6.22 -12.36
N LEU A 271 -15.37 -6.53 -11.80
CA LEU A 271 -14.10 -6.20 -12.48
C LEU A 271 -13.90 -7.09 -13.71
N LEU A 272 -14.23 -8.38 -13.64
CA LEU A 272 -13.84 -9.35 -14.69
C LEU A 272 -14.37 -8.91 -16.06
N PRO A 273 -15.61 -8.43 -16.21
CA PRO A 273 -16.07 -7.98 -17.54
C PRO A 273 -15.32 -6.77 -18.08
N CYS A 274 -14.59 -6.05 -17.21
CA CYS A 274 -13.76 -4.89 -17.61
C CYS A 274 -12.43 -5.33 -18.20
N LEU A 275 -12.02 -6.57 -17.97
CA LEU A 275 -10.70 -7.10 -18.39
C LEU A 275 -10.88 -8.01 -19.60
N PRO A 276 -9.86 -8.16 -20.46
CA PRO A 276 -9.89 -9.17 -21.51
C PRO A 276 -10.20 -10.55 -20.91
N GLN A 277 -11.03 -11.33 -21.61
N GLN A 277 -11.01 -11.36 -21.59
CA GLN A 277 -11.50 -12.67 -21.16
CA GLN A 277 -11.48 -12.64 -20.99
C GLN A 277 -10.28 -13.54 -20.86
C GLN A 277 -10.30 -13.60 -20.87
N PRO A 278 -9.26 -13.61 -21.75
CA PRO A 278 -8.08 -14.45 -21.52
C PRO A 278 -7.09 -13.97 -20.46
N CYS A 279 -7.39 -12.87 -19.81
CA CYS A 279 -6.47 -12.28 -18.82
C CYS A 279 -6.48 -13.20 -17.58
N ARG A 280 -5.29 -13.58 -17.11
CA ARG A 280 -5.10 -14.34 -15.86
C ARG A 280 -5.24 -13.35 -14.69
N VAL A 281 -5.97 -13.75 -13.68
CA VAL A 281 -6.21 -12.92 -12.49
C VAL A 281 -5.76 -13.73 -11.28
N SER A 282 -4.90 -13.12 -10.45
CA SER A 282 -4.32 -13.85 -9.31
C SER A 282 -4.51 -13.04 -8.03
N ASN A 283 -4.64 -13.78 -6.94
CA ASN A 283 -4.67 -13.25 -5.56
C ASN A 283 -3.32 -13.59 -4.92
N TRP A 284 -2.52 -12.58 -4.54
CA TRP A 284 -1.22 -12.79 -3.88
C TRP A 284 -1.29 -12.26 -2.45
N TYR A 285 -0.76 -13.03 -1.52
CA TYR A 285 -0.88 -12.76 -0.06
C TYR A 285 0.51 -12.67 0.56
N GLY A 286 0.64 -11.75 1.48
CA GLY A 286 1.67 -11.85 2.53
C GLY A 286 1.97 -10.50 3.16
N PRO A 287 2.54 -10.52 4.39
CA PRO A 287 3.05 -9.29 4.98
C PRO A 287 4.42 -8.88 4.47
N THR A 288 4.85 -7.66 4.78
CA THR A 288 6.18 -7.16 4.41
C THR A 288 7.27 -8.14 4.86
N GLU A 289 7.07 -8.79 5.99
CA GLU A 289 8.10 -9.70 6.54
C GLU A 289 8.35 -10.96 5.67
N THR A 290 7.43 -11.31 4.76
CA THR A 290 7.54 -12.49 3.87
C THR A 290 7.45 -12.11 2.40
N ASN A 291 7.11 -10.87 2.03
CA ASN A 291 6.60 -10.60 0.67
C ASN A 291 5.48 -11.62 0.37
N VAL A 292 5.25 -11.90 -0.90
CA VAL A 292 4.21 -12.88 -1.29
C VAL A 292 4.64 -14.27 -0.88
N CYS A 293 3.85 -14.93 -0.07
CA CYS A 293 4.16 -16.29 0.42
C CYS A 293 3.02 -17.27 0.18
N VAL A 294 1.85 -16.79 -0.27
CA VAL A 294 0.71 -17.68 -0.60
C VAL A 294 0.04 -17.05 -1.82
N ALA A 295 -0.37 -17.87 -2.78
CA ALA A 295 -0.89 -17.37 -4.07
C ALA A 295 -2.00 -18.29 -4.59
N TYR A 296 -2.94 -17.70 -5.28
CA TYR A 296 -4.06 -18.39 -5.95
C TYR A 296 -4.29 -17.79 -7.31
N ALA A 297 -4.41 -18.62 -8.34
CA ALA A 297 -4.82 -18.17 -9.69
C ALA A 297 -6.32 -18.44 -9.82
N ILE A 298 -7.10 -17.40 -10.14
CA ILE A 298 -8.58 -17.53 -10.16
C ILE A 298 -8.98 -18.43 -11.33
N ASP A 299 -9.92 -19.32 -11.09
CA ASP A 299 -10.62 -20.11 -12.13
C ASP A 299 -11.98 -19.44 -12.31
N ARG A 300 -12.15 -18.69 -13.37
CA ARG A 300 -13.42 -17.96 -13.64
C ARG A 300 -14.64 -18.90 -13.58
N ALA A 301 -14.49 -20.20 -13.84
CA ALA A 301 -15.62 -21.15 -13.77
C ALA A 301 -16.00 -21.41 -12.31
N ARG A 302 -15.02 -21.60 -11.44
CA ARG A 302 -15.22 -21.87 -10.00
C ARG A 302 -15.72 -20.60 -9.29
N LEU A 303 -15.46 -19.40 -9.83
CA LEU A 303 -15.57 -18.14 -9.05
C LEU A 303 -17.02 -17.92 -8.59
N ALA A 304 -18.03 -18.26 -9.40
CA ALA A 304 -19.46 -18.03 -9.09
C ALA A 304 -19.85 -18.76 -7.81
N MET A 305 -19.25 -19.92 -7.56
CA MET A 305 -19.55 -20.75 -6.36
C MET A 305 -18.72 -20.31 -5.15
N LEU A 306 -17.74 -19.39 -5.29
CA LEU A 306 -16.84 -19.03 -4.15
C LEU A 306 -17.49 -17.90 -3.34
N LYS A 307 -17.49 -17.98 -2.01
CA LYS A 307 -17.95 -16.85 -1.18
C LYS A 307 -16.79 -15.91 -0.88
N GLN A 308 -15.57 -16.43 -0.89
CA GLN A 308 -14.29 -15.70 -0.69
C GLN A 308 -13.29 -16.22 -1.72
N VAL A 309 -12.47 -15.33 -2.25
CA VAL A 309 -11.37 -15.79 -3.13
C VAL A 309 -10.28 -16.36 -2.20
N PRO A 310 -9.89 -17.65 -2.36
CA PRO A 310 -8.75 -18.17 -1.59
C PRO A 310 -7.48 -17.35 -1.78
N ILE A 311 -6.66 -17.24 -0.74
CA ILE A 311 -5.26 -16.77 -0.92
C ILE A 311 -4.44 -17.91 -1.51
N GLY A 312 -4.89 -19.16 -1.40
CA GLY A 312 -4.30 -20.25 -2.17
C GLY A 312 -3.31 -21.10 -1.39
N LEU A 313 -2.18 -21.42 -2.00
CA LEU A 313 -1.20 -22.33 -1.37
C LEU A 313 0.15 -21.65 -1.24
N PRO A 314 0.95 -22.06 -0.24
CA PRO A 314 2.26 -21.48 -0.04
C PRO A 314 3.12 -21.68 -1.29
N LEU A 315 3.99 -20.72 -1.58
CA LEU A 315 4.92 -20.81 -2.70
C LEU A 315 5.78 -22.07 -2.57
N GLU A 316 6.14 -22.62 -3.71
CA GLU A 316 7.13 -23.73 -3.74
C GLU A 316 8.37 -23.28 -2.95
N GLY A 317 8.91 -24.13 -2.08
CA GLY A 317 10.10 -23.80 -1.28
C GLY A 317 9.75 -23.22 0.08
N LEU A 318 8.49 -22.92 0.34
CA LEU A 318 8.01 -22.49 1.68
C LEU A 318 7.18 -23.59 2.35
N THR A 319 7.05 -23.47 3.66
CA THR A 319 6.14 -24.34 4.44
C THR A 319 5.26 -23.47 5.33
N ALA A 320 4.15 -24.04 5.78
CA ALA A 320 3.18 -23.30 6.58
C ALA A 320 2.67 -24.19 7.71
N GLN A 321 2.25 -23.53 8.77
CA GLN A 321 1.58 -24.17 9.92
C GLN A 321 0.40 -23.26 10.26
N LEU A 322 -0.66 -23.83 10.81
CA LEU A 322 -1.77 -23.07 11.41
C LEU A 322 -1.66 -23.28 12.91
N GLU A 323 -1.63 -22.20 13.65
CA GLU A 323 -1.61 -22.28 15.12
C GLU A 323 -3.05 -22.14 15.61
N ASP A 324 -3.58 -23.21 16.24
CA ASP A 324 -4.97 -23.30 16.70
C ASP A 324 -5.14 -22.45 17.98
N GLU A 325 -6.38 -22.37 18.47
CA GLU A 325 -6.75 -21.55 19.66
C GLU A 325 -6.03 -22.05 20.92
N ASN A 326 -5.51 -23.28 20.94
CA ASN A 326 -4.76 -23.92 22.04
C ASN A 326 -3.27 -23.59 21.98
N GLY A 327 -2.81 -22.88 20.93
CA GLY A 327 -1.37 -22.62 20.71
C GLY A 327 -0.64 -23.77 20.06
N ASP A 328 -1.33 -24.80 19.56
CA ASP A 328 -0.66 -25.95 18.92
C ASP A 328 -0.58 -25.72 17.41
N ARG A 329 0.58 -26.00 16.83
CA ARG A 329 0.91 -25.71 15.41
C ARG A 329 0.66 -26.97 14.60
N HIS A 330 -0.29 -26.91 13.66
CA HIS A 330 -0.62 -28.01 12.73
C HIS A 330 0.08 -27.78 11.40
N PRO A 331 0.82 -28.77 10.88
CA PRO A 331 1.47 -28.60 9.59
C PRO A 331 0.38 -28.48 8.53
N LEU A 332 0.57 -27.58 7.57
CA LEU A 332 -0.42 -27.44 6.49
C LEU A 332 -0.28 -28.67 5.58
N THR A 333 -1.42 -29.28 5.24
CA THR A 333 -1.51 -30.34 4.23
C THR A 333 -2.74 -30.03 3.38
N ALA A 334 -2.89 -30.71 2.25
CA ALA A 334 -4.06 -30.51 1.37
C ALA A 334 -5.33 -30.89 2.13
N GLN A 335 -5.24 -31.88 3.04
CA GLN A 335 -6.39 -32.49 3.74
C GLN A 335 -6.81 -31.71 4.98
N LEU A 336 -5.98 -30.78 5.47
CA LEU A 336 -6.27 -30.06 6.73
C LEU A 336 -7.55 -29.23 6.61
N ARG A 337 -8.45 -29.34 7.60
CA ARG A 337 -9.69 -28.56 7.66
C ARG A 337 -9.74 -27.95 9.05
N LEU A 338 -9.20 -26.77 9.15
CA LEU A 338 -8.90 -26.11 10.44
C LEU A 338 -8.74 -24.61 10.15
N SER A 339 -9.09 -23.79 11.12
CA SER A 339 -8.76 -22.34 11.14
C SER A 339 -7.67 -22.14 12.20
N GLY A 340 -6.72 -21.24 11.93
CA GLY A 340 -5.70 -20.89 12.91
C GLY A 340 -4.85 -19.75 12.40
N GLU A 341 -3.90 -19.32 13.20
CA GLU A 341 -2.97 -18.25 12.76
C GLU A 341 -1.97 -18.86 11.79
N LEU A 342 -1.78 -18.26 10.61
CA LEU A 342 -0.83 -18.75 9.61
C LEU A 342 0.59 -18.39 10.09
N LEU A 343 1.45 -19.37 10.17
CA LEU A 343 2.91 -19.19 10.37
C LEU A 343 3.60 -19.68 9.09
N ILE A 344 4.47 -18.86 8.53
CA ILE A 344 5.16 -19.15 7.27
C ILE A 344 6.63 -19.37 7.55
N SER A 345 7.24 -20.36 6.91
CA SER A 345 8.67 -20.68 7.05
C SER A 345 9.35 -20.83 5.70
N GLY A 346 10.58 -20.36 5.61
CA GLY A 346 11.36 -20.52 4.39
C GLY A 346 12.13 -19.26 4.05
N PRO A 347 12.82 -19.27 2.90
CA PRO A 347 13.76 -18.18 2.57
C PRO A 347 13.12 -16.81 2.37
N CYS A 348 11.80 -16.72 2.32
CA CYS A 348 11.06 -15.44 2.21
C CYS A 348 11.13 -14.64 3.51
N VAL A 349 11.52 -15.23 4.64
CA VAL A 349 11.23 -14.58 5.95
C VAL A 349 12.36 -13.61 6.28
N THR A 350 12.01 -12.38 6.68
CA THR A 350 12.96 -11.32 7.10
C THR A 350 13.92 -11.90 8.13
N PRO A 351 15.21 -11.54 8.08
CA PRO A 351 16.11 -11.88 9.19
C PRO A 351 15.71 -11.21 10.50
N GLY A 352 14.91 -10.14 10.42
CA GLY A 352 14.32 -9.48 11.59
C GLY A 352 14.13 -7.97 11.49
N TYR A 353 13.45 -7.40 12.47
CA TYR A 353 13.24 -5.92 12.52
C TYR A 353 14.58 -5.24 12.77
N SER A 354 14.79 -4.08 12.15
CA SER A 354 16.11 -3.40 12.20
C SER A 354 16.27 -2.63 13.51
N ASN A 355 15.19 -2.10 14.10
CA ASN A 355 15.30 -1.03 15.10
C ASN A 355 14.41 -1.22 16.32
N VAL A 356 13.67 -2.31 16.37
CA VAL A 356 12.75 -2.56 17.51
C VAL A 356 12.75 -4.06 17.77
N VAL A 357 12.41 -4.39 19.00
CA VAL A 357 12.21 -5.79 19.42
C VAL A 357 10.72 -6.06 19.46
N VAL A 358 10.30 -7.12 18.79
CA VAL A 358 8.92 -7.64 18.81
C VAL A 358 9.02 -9.07 19.31
N PRO A 359 8.82 -9.28 20.63
CA PRO A 359 9.11 -10.59 21.21
C PRO A 359 8.41 -11.79 20.54
N ARG A 360 7.16 -11.62 20.09
CA ARG A 360 6.43 -12.70 19.36
C ARG A 360 7.29 -13.20 18.18
N GLN A 361 8.00 -12.33 17.48
CA GLN A 361 8.75 -12.75 16.28
C GLN A 361 10.20 -13.10 16.62
N ALA A 362 10.71 -12.82 17.83
CA ALA A 362 12.16 -12.87 18.09
C ALA A 362 12.69 -14.31 18.07
N ALA A 363 11.93 -15.33 18.48
CA ALA A 363 12.42 -16.72 18.31
C ALA A 363 11.81 -17.37 17.06
N LEU A 364 11.23 -16.58 16.14
CA LEU A 364 10.71 -17.06 14.83
C LEU A 364 11.63 -16.58 13.69
N HIS A 365 11.86 -15.27 13.57
CA HIS A 365 12.65 -14.69 12.45
C HIS A 365 14.02 -15.33 12.29
N PRO A 366 14.85 -15.48 13.34
CA PRO A 366 16.16 -16.09 13.12
C PRO A 366 16.09 -17.58 12.73
N HIS A 367 14.92 -18.21 12.84
CA HIS A 367 14.69 -19.60 12.36
C HIS A 367 13.90 -19.57 11.04
N GLN A 368 13.94 -18.46 10.31
CA GLN A 368 13.22 -18.30 9.02
C GLN A 368 11.73 -18.67 9.21
N CYS A 369 11.08 -18.18 10.26
CA CYS A 369 9.63 -18.32 10.51
C CYS A 369 9.04 -16.94 10.84
N HIS A 370 7.84 -16.66 10.35
CA HIS A 370 7.11 -15.43 10.67
C HIS A 370 5.68 -15.79 11.09
N ALA A 371 5.21 -15.26 12.20
CA ALA A 371 3.79 -15.37 12.63
C ALA A 371 3.02 -14.21 11.99
N THR A 372 2.10 -14.50 11.06
CA THR A 372 1.51 -13.46 10.18
C THR A 372 0.52 -12.58 10.93
N GLY A 373 -0.05 -13.05 12.04
CA GLY A 373 -1.18 -12.36 12.69
C GLY A 373 -2.48 -12.52 11.94
N ASP A 374 -2.51 -13.33 10.87
CA ASP A 374 -3.74 -13.57 10.08
C ASP A 374 -4.36 -14.90 10.51
N TRP A 375 -5.64 -14.87 10.80
CA TRP A 375 -6.49 -16.07 11.02
C TRP A 375 -6.88 -16.56 9.63
N VAL A 376 -6.57 -17.80 9.31
CA VAL A 376 -6.86 -18.37 7.98
C VAL A 376 -7.50 -19.75 8.15
N GLU A 377 -8.21 -20.15 7.11
CA GLU A 377 -8.88 -21.48 7.10
C GLU A 377 -8.34 -22.29 5.94
N MET A 378 -8.02 -23.57 6.16
CA MET A 378 -7.67 -24.45 5.05
C MET A 378 -8.96 -25.13 4.57
N THR A 379 -9.17 -25.08 3.25
CA THR A 379 -10.39 -25.53 2.53
C THR A 379 -9.95 -26.38 1.34
N PRO A 380 -10.88 -27.09 0.66
CA PRO A 380 -10.53 -27.78 -0.58
C PRO A 380 -9.96 -26.90 -1.71
N GLU A 381 -10.16 -25.58 -1.67
CA GLU A 381 -9.64 -24.64 -2.68
C GLU A 381 -8.41 -23.94 -2.14
N GLY A 382 -7.89 -24.35 -0.98
CA GLY A 382 -6.66 -23.74 -0.44
C GLY A 382 -6.94 -22.87 0.76
N LEU A 383 -5.98 -22.03 1.15
CA LEU A 383 -6.15 -21.17 2.31
C LEU A 383 -7.13 -20.05 1.97
N VAL A 384 -7.92 -19.67 2.95
CA VAL A 384 -8.86 -18.52 2.86
C VAL A 384 -8.60 -17.59 4.04
N PHE A 385 -8.37 -16.32 3.77
CA PHE A 385 -8.19 -15.26 4.79
C PHE A 385 -9.48 -15.06 5.59
N ARG A 386 -9.37 -15.05 6.91
CA ARG A 386 -10.55 -14.86 7.79
C ARG A 386 -10.47 -13.55 8.56
N GLY A 387 -9.29 -13.08 8.94
CA GLY A 387 -9.23 -11.83 9.72
C GLY A 387 -7.92 -11.68 10.45
N ARG A 388 -7.69 -10.52 11.05
CA ARG A 388 -6.47 -10.32 11.87
C ARG A 388 -6.79 -10.56 13.33
N ILE A 389 -5.76 -10.91 14.08
CA ILE A 389 -5.94 -11.23 15.51
C ILE A 389 -5.27 -10.20 16.44
N ASP A 390 -4.70 -9.10 15.92
CA ASP A 390 -3.99 -8.11 16.77
C ASP A 390 -4.56 -6.72 16.44
N ASP A 391 -3.78 -5.65 16.61
CA ASP A 391 -4.29 -4.27 16.48
C ASP A 391 -3.70 -3.66 15.20
N MET A 392 -3.25 -4.49 14.27
CA MET A 392 -2.84 -3.97 12.94
C MET A 392 -4.01 -4.18 12.01
N VAL A 393 -4.39 -3.16 11.25
CA VAL A 393 -5.54 -3.23 10.33
C VAL A 393 -5.06 -2.81 8.95
N LYS A 394 -5.69 -3.35 7.93
CA LYS A 394 -5.45 -2.88 6.52
C LYS A 394 -6.54 -1.86 6.17
N ILE A 395 -6.08 -0.66 5.79
CA ILE A 395 -7.00 0.42 5.35
C ILE A 395 -6.75 0.62 3.86
N ASN A 396 -7.69 0.21 3.02
CA ASN A 396 -7.48 0.15 1.56
C ASN A 396 -6.13 -0.46 1.23
N GLY A 397 -5.74 -1.49 1.98
CA GLY A 397 -4.46 -2.18 1.75
C GLY A 397 -3.24 -1.51 2.37
N TYR A 398 -3.36 -0.36 3.02
CA TYR A 398 -2.26 0.25 3.79
C TYR A 398 -2.20 -0.37 5.19
N ARG A 399 -0.97 -0.60 5.66
CA ARG A 399 -0.70 -1.21 6.97
C ARG A 399 -0.78 -0.16 8.08
N VAL A 400 -1.71 -0.33 8.99
CA VAL A 400 -1.94 0.67 10.06
C VAL A 400 -1.94 -0.04 11.41
N GLU A 401 -1.03 0.32 12.31
CA GLU A 401 -1.13 -0.06 13.73
C GLU A 401 -2.01 0.95 14.48
N LEU A 402 -3.10 0.49 15.09
CA LEU A 402 -3.98 1.41 15.86
C LEU A 402 -3.12 2.14 16.89
N GLY A 403 -2.11 1.50 17.44
CA GLY A 403 -1.22 2.11 18.45
C GLY A 403 -0.47 3.30 17.88
N GLU A 404 -0.13 3.32 16.59
CA GLU A 404 0.47 4.55 16.01
C GLU A 404 -0.49 5.73 16.13
N ILE A 405 -1.75 5.58 15.71
CA ILE A 405 -2.73 6.68 15.78
C ILE A 405 -2.96 7.05 17.24
N GLU A 406 -3.06 6.07 18.13
CA GLU A 406 -3.25 6.32 19.59
C GLU A 406 -2.10 7.15 20.11
N SER A 407 -0.86 6.82 19.73
CA SER A 407 0.34 7.52 20.24
C SER A 407 0.30 9.01 19.86
N VAL A 408 -0.21 9.32 18.66
CA VAL A 408 -0.32 10.73 18.22
C VAL A 408 -1.49 11.38 18.97
N LEU A 409 -2.65 10.72 19.10
CA LEU A 409 -3.81 11.33 19.80
C LEU A 409 -3.47 11.64 21.25
N HIS A 410 -2.70 10.80 21.94
CA HIS A 410 -2.37 11.05 23.36
C HIS A 410 -1.58 12.37 23.51
N GLN A 411 -1.07 12.95 22.45
CA GLN A 411 -0.33 14.24 22.52
C GLN A 411 -1.27 15.44 22.39
N HIS A 412 -2.54 15.24 22.02
CA HIS A 412 -3.51 16.36 21.97
C HIS A 412 -3.72 16.93 23.39
N PRO A 413 -3.64 18.26 23.55
CA PRO A 413 -3.71 18.91 24.87
C PRO A 413 -4.99 18.60 25.65
N ALA A 414 -6.09 18.27 24.99
CA ALA A 414 -7.39 18.05 25.65
C ALA A 414 -7.53 16.59 26.10
N ILE A 415 -6.70 15.68 25.57
CA ILE A 415 -6.93 14.23 25.72
C ILE A 415 -6.27 13.67 26.96
N ASP A 416 -7.01 12.86 27.70
CA ASP A 416 -6.49 12.05 28.82
C ASP A 416 -6.05 10.71 28.23
N ARG A 417 -6.99 9.90 27.80
CA ARG A 417 -6.67 8.57 27.21
C ARG A 417 -7.38 8.47 25.87
N ALA A 418 -6.82 7.68 24.96
CA ALA A 418 -7.45 7.52 23.64
C ALA A 418 -7.26 6.07 23.20
N ALA A 419 -8.28 5.50 22.59
CA ALA A 419 -8.18 4.18 21.95
C ALA A 419 -9.01 4.16 20.67
N LEU A 420 -8.52 3.38 19.71
CA LEU A 420 -9.27 3.20 18.47
C LEU A 420 -9.92 1.83 18.49
N CYS A 421 -11.08 1.75 17.85
CA CYS A 421 -11.59 0.44 17.37
C CYS A 421 -12.00 0.59 15.91
N VAL A 422 -12.36 -0.53 15.28
CA VAL A 422 -12.55 -0.55 13.82
C VAL A 422 -13.85 -1.26 13.54
N GLU A 423 -14.52 -0.80 12.50
CA GLU A 423 -15.63 -1.52 11.83
C GLU A 423 -15.20 -1.82 10.40
N LEU A 424 -15.33 -3.08 9.99
CA LEU A 424 -14.91 -3.55 8.66
C LEU A 424 -16.15 -3.80 7.81
N GLY A 425 -16.11 -3.38 6.56
CA GLY A 425 -17.13 -3.74 5.55
C GLY A 425 -16.45 -4.16 4.25
N ASP A 426 -17.21 -4.27 3.17
CA ASP A 426 -16.65 -4.70 1.85
C ASP A 426 -15.90 -3.50 1.25
N LEU A 427 -14.58 -3.58 1.13
CA LEU A 427 -13.70 -2.51 0.61
C LEU A 427 -13.95 -1.19 1.34
N ARG A 428 -14.20 -1.29 2.65
CA ARG A 428 -14.41 -0.12 3.51
C ARG A 428 -13.99 -0.50 4.92
N GLN A 429 -13.32 0.44 5.58
CA GLN A 429 -13.00 0.33 7.02
C GLN A 429 -13.34 1.66 7.69
N THR A 430 -13.81 1.57 8.93
CA THR A 430 -14.16 2.77 9.70
C THR A 430 -13.36 2.75 10.99
N LEU A 431 -12.54 3.76 11.20
CA LEU A 431 -11.78 3.91 12.46
C LEU A 431 -12.58 4.81 13.38
N ILE A 432 -12.73 4.39 14.62
CA ILE A 432 -13.52 5.14 15.63
C ILE A 432 -12.61 5.52 16.78
N MET A 433 -12.48 6.82 17.04
CA MET A 433 -11.66 7.32 18.17
C MET A 433 -12.56 7.39 19.39
N VAL A 434 -12.17 6.69 20.44
CA VAL A 434 -12.81 6.74 21.80
C VAL A 434 -11.84 7.45 22.74
N ILE A 435 -12.23 8.62 23.25
CA ILE A 435 -11.28 9.43 24.06
C ILE A 435 -11.96 9.84 25.36
N SER A 436 -11.12 10.06 26.36
CA SER A 436 -11.51 10.77 27.60
C SER A 436 -10.73 12.07 27.63
N LEU A 437 -11.28 13.06 28.34
CA LEU A 437 -10.67 14.41 28.40
C LEU A 437 -9.99 14.66 29.75
N GLN A 438 -9.02 15.55 29.70
CA GLN A 438 -8.35 16.17 30.87
C GLN A 438 -9.42 16.99 31.61
N THR A 439 -9.29 17.10 32.92
CA THR A 439 -10.17 17.97 33.72
C THR A 439 -10.14 19.37 33.13
N GLY A 440 -11.31 19.99 32.86
CA GLY A 440 -11.35 21.39 32.41
C GLY A 440 -11.12 21.59 30.92
N ALA A 441 -10.83 20.54 30.15
CA ALA A 441 -10.45 20.70 28.73
C ALA A 441 -11.68 20.97 27.87
N VAL A 442 -11.52 21.85 26.89
CA VAL A 442 -12.53 22.03 25.82
C VAL A 442 -12.64 20.74 25.01
N PRO A 443 -13.83 20.10 24.88
CA PRO A 443 -13.96 18.89 24.06
C PRO A 443 -13.64 19.24 22.61
N PRO A 444 -12.68 18.53 21.99
CA PRO A 444 -12.42 18.74 20.56
C PRO A 444 -13.57 18.16 19.73
N GLY A 445 -13.85 18.75 18.59
CA GLY A 445 -14.80 18.19 17.62
C GLY A 445 -14.07 17.24 16.69
N LEU A 446 -14.85 16.44 15.98
CA LEU A 446 -14.30 15.49 14.98
C LEU A 446 -13.41 16.23 13.98
N LEU A 447 -13.89 17.29 13.34
CA LEU A 447 -13.07 17.97 12.30
C LEU A 447 -11.82 18.59 12.94
N GLU A 448 -11.89 19.10 14.18
CA GLU A 448 -10.70 19.64 14.87
C GLU A 448 -9.66 18.53 15.03
N LEU A 449 -10.07 17.33 15.42
CA LEU A 449 -9.09 16.24 15.60
C LEU A 449 -8.56 15.80 14.24
N LYS A 450 -9.42 15.77 13.22
CA LYS A 450 -8.89 15.41 11.87
C LYS A 450 -7.83 16.42 11.46
N GLN A 451 -8.05 17.71 11.72
CA GLN A 451 -7.08 18.78 11.35
C GLN A 451 -5.79 18.62 12.17
N PHE A 452 -5.90 18.18 13.42
CA PHE A 452 -4.75 17.91 14.30
C PHE A 452 -3.88 16.79 13.69
N LEU A 453 -4.53 15.74 13.20
CA LEU A 453 -3.83 14.56 12.66
C LEU A 453 -3.32 14.81 11.26
N GLN A 454 -3.93 15.72 10.52
CA GLN A 454 -3.56 15.97 9.11
C GLN A 454 -2.09 16.36 8.94
N GLN A 455 -1.49 17.03 9.93
CA GLN A 455 -0.07 17.47 9.90
C GLN A 455 0.85 16.31 10.24
N LYS A 456 0.31 15.20 10.73
CA LYS A 456 1.12 14.21 11.46
C LYS A 456 1.03 12.84 10.76
N LEU A 457 -0.15 12.46 10.27
CA LEU A 457 -0.36 11.11 9.74
C LEU A 457 -0.99 11.19 8.37
N PRO A 458 -0.74 10.20 7.49
CA PRO A 458 -1.38 10.23 6.18
C PRO A 458 -2.89 10.07 6.29
N SER A 459 -3.61 10.51 5.26
CA SER A 459 -5.07 10.68 5.32
C SER A 459 -5.77 9.39 5.72
N TYR A 460 -5.29 8.23 5.25
CA TYR A 460 -5.95 6.94 5.56
C TYR A 460 -5.86 6.56 7.04
N MET A 461 -5.01 7.20 7.85
CA MET A 461 -4.93 6.96 9.32
C MET A 461 -5.77 7.99 10.10
N ILE A 462 -6.47 8.89 9.42
CA ILE A 462 -7.28 9.93 10.12
C ILE A 462 -8.67 9.38 10.37
N PRO A 463 -9.06 9.10 11.63
CA PRO A 463 -10.35 8.45 11.86
C PRO A 463 -11.55 9.28 11.45
N ASN A 464 -12.68 8.61 11.20
CA ASN A 464 -13.86 9.35 10.73
C ASN A 464 -15.02 9.31 11.74
N LYS A 465 -14.83 8.78 12.92
CA LYS A 465 -15.82 8.92 14.00
C LYS A 465 -15.10 9.22 15.32
N LEU A 466 -15.74 10.04 16.15
CA LEU A 466 -15.30 10.38 17.51
C LEU A 466 -16.39 10.04 18.53
N VAL A 467 -15.98 9.42 19.64
CA VAL A 467 -16.84 9.17 20.82
C VAL A 467 -16.09 9.68 22.06
N ILE A 468 -16.70 10.60 22.80
CA ILE A 468 -16.07 11.10 24.05
C ILE A 468 -16.76 10.39 25.21
N THR A 469 -15.98 9.78 26.08
CA THR A 469 -16.47 9.01 27.25
C THR A 469 -15.90 9.63 28.55
N GLU A 470 -16.55 9.45 29.69
CA GLU A 470 -15.99 9.95 30.98
C GLU A 470 -14.72 9.17 31.32
N SER A 471 -14.63 7.88 30.94
CA SER A 471 -13.49 7.02 31.27
C SER A 471 -13.35 5.91 30.23
N LEU A 472 -12.13 5.62 29.79
CA LEU A 472 -11.83 4.43 28.94
C LEU A 472 -11.66 3.21 29.85
N PRO A 473 -12.36 2.09 29.55
CA PRO A 473 -12.07 0.80 30.18
C PRO A 473 -10.59 0.35 30.09
N VAL A 474 -9.91 0.17 31.23
CA VAL A 474 -8.48 -0.29 31.28
C VAL A 474 -8.34 -1.48 32.25
N ASN A 475 -7.23 -2.23 32.12
CA ASN A 475 -6.83 -3.38 32.97
C ASN A 475 -5.77 -2.92 33.97
N ALA A 476 -5.25 -3.83 34.80
CA ALA A 476 -4.16 -3.55 35.78
C ALA A 476 -2.84 -3.34 35.03
N LYS A 479 -3.42 -0.32 30.44
CA LYS A 479 -3.62 -0.63 29.00
C LYS A 479 -5.13 -0.77 28.78
N VAL A 480 -5.63 -0.18 27.70
CA VAL A 480 -7.08 -0.19 27.38
C VAL A 480 -7.53 -1.63 27.14
N ASP A 481 -8.72 -1.96 27.64
CA ASP A 481 -9.41 -3.26 27.36
C ASP A 481 -10.20 -3.11 26.06
N ARG A 482 -9.63 -3.54 24.94
CA ARG A 482 -10.19 -3.27 23.59
C ARG A 482 -11.50 -4.03 23.38
N LYS A 483 -11.66 -5.19 24.05
CA LYS A 483 -12.90 -6.01 24.04
C LYS A 483 -14.10 -5.13 24.43
N GLN A 484 -13.90 -4.16 25.32
CA GLN A 484 -15.01 -3.33 25.87
C GLN A 484 -15.36 -2.12 24.98
N LEU A 485 -14.56 -1.76 23.96
CA LEU A 485 -14.74 -0.50 23.22
C LEU A 485 -16.01 -0.48 22.37
N ALA A 486 -16.30 -1.54 21.60
CA ALA A 486 -17.50 -1.61 20.72
C ALA A 486 -18.76 -1.32 21.57
N GLY A 487 -18.81 -1.89 22.77
CA GLY A 487 -19.91 -1.73 23.75
C GLY A 487 -20.01 -0.29 24.27
N VAL A 488 -18.91 0.34 24.67
CA VAL A 488 -19.02 1.77 25.14
C VAL A 488 -19.47 2.63 23.96
N VAL A 489 -19.02 2.34 22.73
CA VAL A 489 -19.47 3.06 21.50
C VAL A 489 -20.97 2.85 21.32
N ALA A 490 -21.43 1.59 21.45
CA ALA A 490 -22.87 1.23 21.30
C ALA A 490 -23.70 2.05 22.29
N VAL A 491 -23.38 1.93 23.59
CA VAL A 491 -24.11 2.62 24.70
C VAL A 491 -24.16 4.14 24.40
N LEU A 492 -22.99 4.77 24.19
CA LEU A 492 -22.86 6.24 23.93
C LEU A 492 -23.61 6.62 22.64
N GLU A 493 -23.66 5.75 21.62
CA GLU A 493 -24.52 5.94 20.39
C GLU A 493 -25.94 5.45 20.70
N MET B 1 -28.30 27.00 -4.89
CA MET B 1 -28.87 25.83 -4.19
C MET B 1 -27.89 24.63 -4.21
N LEU B 2 -27.09 24.44 -5.26
CA LEU B 2 -26.19 23.25 -5.34
C LEU B 2 -25.21 23.20 -4.15
N GLU B 3 -24.53 24.30 -3.81
CA GLU B 3 -23.54 24.37 -2.69
C GLU B 3 -24.20 23.83 -1.41
N SER B 4 -25.40 24.30 -1.08
CA SER B 4 -26.12 23.87 0.13
C SER B 4 -26.46 22.38 0.06
N LYS B 5 -26.94 21.88 -1.10
CA LYS B 5 -27.26 20.43 -1.28
C LYS B 5 -26.00 19.61 -0.99
N LEU B 6 -24.87 20.08 -1.50
CA LEU B 6 -23.60 19.28 -1.35
C LEU B 6 -23.14 19.26 0.12
N ILE B 7 -23.20 20.40 0.81
CA ILE B 7 -22.84 20.47 2.26
C ILE B 7 -23.74 19.51 3.03
N ASN B 8 -25.05 19.53 2.75
CA ASN B 8 -26.01 18.68 3.49
C ASN B 8 -25.76 17.21 3.20
N HIS B 9 -25.46 16.87 1.93
CA HIS B 9 -25.15 15.49 1.51
C HIS B 9 -23.91 14.98 2.26
N ILE B 10 -22.86 15.79 2.37
N ILE B 10 -22.85 15.81 2.31
CA ILE B 10 -21.63 15.29 3.03
CA ILE B 10 -21.57 15.48 3.00
C ILE B 10 -21.89 15.15 4.53
C ILE B 10 -21.92 15.17 4.47
N ALA B 11 -22.58 16.13 5.12
CA ALA B 11 -22.96 16.07 6.56
C ALA B 11 -23.74 14.77 6.79
N THR B 12 -24.80 14.54 6.03
CA THR B 12 -25.68 13.36 6.20
C THR B 12 -24.96 12.02 5.86
N GLN B 13 -24.26 11.93 4.75
CA GLN B 13 -23.76 10.64 4.20
C GLN B 13 -22.45 10.25 4.92
N PHE B 14 -21.65 11.23 5.34
CA PHE B 14 -20.25 10.92 5.74
C PHE B 14 -20.00 11.29 7.21
N LEU B 15 -20.78 12.18 7.79
CA LEU B 15 -20.50 12.74 9.14
C LEU B 15 -21.73 12.53 10.08
N ASP B 16 -22.58 11.55 9.79
CA ASP B 16 -23.76 11.21 10.64
C ASP B 16 -24.62 12.45 10.96
N GLY B 17 -24.73 13.42 10.05
CA GLY B 17 -25.63 14.59 10.20
C GLY B 17 -24.95 15.83 10.78
N GLU B 18 -23.76 15.74 11.37
CA GLU B 18 -23.12 16.89 12.07
C GLU B 18 -22.44 17.81 11.05
N LYS B 19 -22.87 19.08 10.98
CA LYS B 19 -22.29 20.13 10.13
C LYS B 19 -21.15 20.84 10.89
N ASP B 20 -20.86 20.45 12.14
CA ASP B 20 -19.86 21.15 13.00
C ASP B 20 -18.53 21.29 12.25
N GLY B 21 -18.22 22.52 11.82
CA GLY B 21 -16.92 22.89 11.23
C GLY B 21 -16.85 22.59 9.73
N LEU B 22 -17.85 21.93 9.16
CA LEU B 22 -17.89 21.58 7.71
C LEU B 22 -18.31 22.79 6.89
N ASP B 23 -17.52 23.19 5.91
CA ASP B 23 -17.89 24.30 5.01
C ASP B 23 -17.39 24.00 3.60
N SER B 24 -17.50 24.98 2.72
CA SER B 24 -17.21 24.77 1.28
C SER B 24 -15.69 24.68 1.03
N GLN B 25 -14.87 25.03 2.01
CA GLN B 25 -13.40 24.95 1.91
C GLN B 25 -12.86 23.70 2.59
N THR B 26 -13.69 22.91 3.26
CA THR B 26 -13.19 21.72 3.97
C THR B 26 -12.61 20.74 2.94
N PRO B 27 -11.31 20.35 3.07
CA PRO B 27 -10.75 19.32 2.19
C PRO B 27 -11.21 17.90 2.56
N LEU B 28 -12.16 17.43 1.78
CA LEU B 28 -12.97 16.22 2.04
C LEU B 28 -12.08 14.97 2.05
N PHE B 29 -11.13 14.87 1.13
CA PHE B 29 -10.25 13.68 1.02
C PHE B 29 -9.05 13.83 1.96
N GLU B 30 -8.47 15.04 2.07
CA GLU B 30 -7.29 15.24 2.94
C GLU B 30 -7.65 14.92 4.40
N LEU B 31 -8.89 15.21 4.82
CA LEU B 31 -9.32 14.95 6.22
C LEU B 31 -10.03 13.60 6.33
N ASN B 32 -10.05 12.79 5.26
CA ASN B 32 -10.62 11.42 5.30
C ASN B 32 -12.08 11.49 5.72
N ILE B 33 -12.78 12.53 5.31
CA ILE B 33 -14.26 12.60 5.45
C ILE B 33 -14.89 11.71 4.37
N VAL B 34 -14.33 11.81 3.17
CA VAL B 34 -14.71 10.91 2.05
C VAL B 34 -13.51 10.02 1.71
N ASP B 35 -13.71 8.71 1.75
CA ASP B 35 -12.65 7.73 1.40
C ASP B 35 -12.24 8.00 -0.04
N SER B 36 -10.95 7.97 -0.34
CA SER B 36 -10.44 8.14 -1.72
C SER B 36 -11.19 7.19 -2.65
N ALA B 37 -11.54 6.01 -2.16
CA ALA B 37 -12.18 4.98 -2.97
C ALA B 37 -13.64 5.27 -3.22
N ALA B 38 -14.25 6.27 -2.53
CA ALA B 38 -15.66 6.67 -2.66
C ALA B 38 -15.87 7.91 -3.54
N ILE B 39 -14.88 8.37 -4.25
CA ILE B 39 -14.99 9.56 -5.14
C ILE B 39 -16.18 9.39 -6.12
N PHE B 40 -16.39 8.23 -6.73
CA PHE B 40 -17.44 8.06 -7.78
C PHE B 40 -18.85 8.20 -7.18
N ASP B 41 -18.99 7.95 -5.88
CA ASP B 41 -20.25 8.25 -5.14
C ASP B 41 -20.51 9.76 -5.10
N LEU B 42 -19.50 10.60 -4.86
CA LEU B 42 -19.67 12.08 -4.96
C LEU B 42 -19.98 12.46 -6.41
N VAL B 43 -19.28 11.90 -7.39
CA VAL B 43 -19.46 12.30 -8.82
C VAL B 43 -20.93 12.06 -9.19
N ASP B 44 -21.47 10.92 -8.75
CA ASP B 44 -22.84 10.48 -9.07
C ASP B 44 -23.85 11.46 -8.48
N PHE B 45 -23.63 11.80 -7.21
CA PHE B 45 -24.50 12.80 -6.55
C PHE B 45 -24.44 14.11 -7.32
N LEU B 46 -23.23 14.59 -7.62
CA LEU B 46 -23.04 15.87 -8.33
C LEU B 46 -23.72 15.85 -9.70
N ARG B 47 -23.57 14.78 -10.45
CA ARG B 47 -24.14 14.75 -11.83
C ARG B 47 -25.67 14.82 -11.72
N GLN B 48 -26.25 13.97 -10.87
CA GLN B 48 -27.70 13.92 -10.61
C GLN B 48 -28.25 15.30 -10.20
N GLU B 49 -27.67 15.94 -9.17
CA GLU B 49 -28.22 17.20 -8.62
C GLU B 49 -27.94 18.39 -9.55
N SER B 50 -26.83 18.40 -10.29
CA SER B 50 -26.43 19.60 -11.09
C SER B 50 -27.12 19.63 -12.47
N LYS B 51 -27.60 18.48 -12.96
CA LYS B 51 -28.18 18.38 -14.33
C LYS B 51 -27.23 18.84 -15.43
N VAL B 52 -25.94 18.62 -15.23
CA VAL B 52 -24.93 18.76 -16.32
C VAL B 52 -24.23 17.42 -16.45
N SER B 53 -23.79 17.09 -17.66
CA SER B 53 -22.99 15.86 -17.90
C SER B 53 -21.59 16.03 -17.30
N ILE B 54 -21.12 15.00 -16.61
CA ILE B 54 -19.79 14.98 -15.96
C ILE B 54 -19.07 13.71 -16.44
N GLY B 55 -18.27 13.85 -17.49
CA GLY B 55 -17.48 12.73 -18.04
C GLY B 55 -16.12 12.66 -17.39
N MET B 56 -15.83 11.60 -16.66
CA MET B 56 -14.56 11.47 -15.90
C MET B 56 -13.39 11.21 -16.87
N GLN B 57 -13.64 10.98 -18.17
CA GLN B 57 -12.55 10.91 -19.18
C GLN B 57 -11.80 12.26 -19.21
N GLU B 58 -12.53 13.36 -19.06
CA GLU B 58 -12.08 14.75 -19.42
C GLU B 58 -12.10 15.68 -18.20
N ILE B 59 -12.58 15.25 -17.03
CA ILE B 59 -12.74 16.13 -15.83
C ILE B 59 -11.78 15.68 -14.72
N HIS B 60 -10.88 16.60 -14.33
CA HIS B 60 -9.79 16.32 -13.34
C HIS B 60 -10.42 15.95 -12.01
N PRO B 61 -9.94 14.88 -11.32
CA PRO B 61 -10.53 14.53 -10.01
C PRO B 61 -10.35 15.58 -8.90
N ALA B 62 -9.35 16.47 -9.02
CA ALA B 62 -9.14 17.58 -8.06
C ALA B 62 -10.43 18.39 -7.96
N ASN B 63 -11.28 18.36 -8.98
CA ASN B 63 -12.55 19.12 -8.93
C ASN B 63 -13.44 18.62 -7.78
N PHE B 64 -13.25 17.44 -7.23
CA PHE B 64 -14.07 16.89 -6.11
C PHE B 64 -13.46 17.06 -4.72
N ALA B 65 -12.35 17.79 -4.57
CA ALA B 65 -11.61 17.92 -3.31
C ALA B 65 -12.39 18.68 -2.25
N THR B 66 -13.22 19.64 -2.66
CA THR B 66 -14.00 20.50 -1.73
C THR B 66 -15.39 20.69 -2.36
N VAL B 67 -16.32 21.14 -1.55
CA VAL B 67 -17.61 21.55 -2.11
C VAL B 67 -17.34 22.75 -3.03
N GLN B 68 -16.49 23.69 -2.62
CA GLN B 68 -16.28 24.89 -3.47
C GLN B 68 -15.82 24.45 -4.87
N SER B 69 -14.92 23.48 -4.95
CA SER B 69 -14.37 23.06 -6.26
C SER B 69 -15.47 22.34 -7.08
N MET B 70 -16.35 21.59 -6.41
CA MET B 70 -17.44 20.90 -7.13
C MET B 70 -18.39 21.93 -7.73
N VAL B 71 -18.68 23.01 -7.00
CA VAL B 71 -19.57 24.12 -7.44
C VAL B 71 -18.90 24.87 -8.59
N ALA B 72 -17.60 25.14 -8.48
CA ALA B 72 -16.84 25.89 -9.50
C ALA B 72 -16.88 25.09 -10.80
N LEU B 73 -16.71 23.78 -10.71
CA LEU B 73 -16.74 22.89 -11.88
C LEU B 73 -18.11 22.97 -12.58
N VAL B 74 -19.18 22.93 -11.81
CA VAL B 74 -20.53 22.93 -12.44
C VAL B 74 -20.73 24.27 -13.13
N GLN B 75 -20.28 25.39 -12.54
CA GLN B 75 -20.35 26.75 -13.16
C GLN B 75 -19.64 26.72 -14.51
N ARG B 76 -18.47 26.08 -14.60
CA ARG B 76 -17.70 26.00 -15.86
C ARG B 76 -18.47 25.17 -16.88
N LEU B 77 -19.11 24.06 -16.45
CA LEU B 77 -19.82 23.13 -17.38
C LEU B 77 -21.10 23.79 -17.88
N LYS B 78 -21.75 24.65 -17.09
CA LYS B 78 -23.00 25.34 -17.49
C LYS B 78 -22.73 26.52 -18.44
N ALA B 79 -21.49 26.67 -18.96
CA ALA B 79 -21.06 27.71 -19.96
C ALA B 79 -21.85 29.00 -19.79
#